data_1MF1
#
_entry.id   1MF1
#
_cell.length_a   70.240
_cell.length_b   70.240
_cell.length_c   199.140
_cell.angle_alpha   90.00
_cell.angle_beta   90.00
_cell.angle_gamma   90.00
#
_symmetry.space_group_name_H-M   'P 43 21 2'
#
loop_
_entity.id
_entity.type
_entity.pdbx_description
1 polymer 'Adenylosuccinate Synthetase'
2 non-polymer 'ACETATE ION'
3 non-polymer 'ADENOSINE MONOPHOSPHATE'
4 water water
#
_entity_poly.entity_id   1
_entity_poly.type   'polypeptide(L)'
_entity_poly.pdbx_seq_one_letter_code
;MSGTRASNDRPPGTGGVKRGRLQQEAAATGSRVTVVLGAQWGDEGKGKVVDLLATDADIVSRCQGGNNAGHTVVVDGKEY
DFHLLPSGIINTKAVSFIGNGVVIHLPGLFEEAEKNEKKGLKDWEKRLIISDRAHLVFDFHQAVDGLQEVQRQAQEGKNI
GTTKKGIGPTYSSKAARTGLRICDLLSDFDEFSARFKNLAHQHQSMFPTLEIDVEGQLKRLKGFAERIRPMVRDGVYFMY
EALHGPPKKVLVEGANAALLDIDFGTYPFVTSSNCTVGGVCTGLGIPPQNIGDVYGVVKAYTTRVGIGAFPTEQINEIGD
LLQNRGHEWGVTTGRKRRCGWLDLMILRYAHMVNGFTALALTKLDILDVLSEIKVGISYKLNGKRIPYFPANQEILQKVE
VEYETLPGWKADTTGARKWEDLPPQAQSYVRFVENHMGVAVKWVGVGKSRESMIQLF
;
_entity_poly.pdbx_strand_id   A
#
# COMPACT_ATOMS: atom_id res chain seq x y z
N ALA A 28 -20.12 -14.98 -19.95
CA ALA A 28 -20.81 -13.82 -19.33
C ALA A 28 -20.06 -12.49 -19.56
N THR A 29 -19.58 -11.88 -18.47
CA THR A 29 -18.82 -10.62 -18.52
C THR A 29 -17.33 -10.89 -18.32
N GLY A 30 -17.01 -12.15 -18.06
CA GLY A 30 -15.62 -12.53 -17.85
C GLY A 30 -15.24 -12.90 -16.43
N SER A 31 -13.94 -13.00 -16.20
CA SER A 31 -13.39 -13.33 -14.89
C SER A 31 -13.34 -12.10 -14.01
N ARG A 32 -13.66 -12.24 -12.73
CA ARG A 32 -13.62 -11.11 -11.79
C ARG A 32 -12.31 -11.11 -11.01
N VAL A 33 -11.74 -9.93 -10.78
CA VAL A 33 -10.50 -9.85 -10.05
C VAL A 33 -10.74 -9.88 -8.54
N THR A 34 -9.71 -10.29 -7.81
CA THR A 34 -9.74 -10.36 -6.36
C THR A 34 -8.81 -9.24 -5.88
N VAL A 35 -9.33 -8.38 -5.02
CA VAL A 35 -8.56 -7.24 -4.54
C VAL A 35 -8.19 -7.28 -3.06
N VAL A 36 -6.95 -6.90 -2.76
CA VAL A 36 -6.47 -6.84 -1.39
C VAL A 36 -6.12 -5.38 -1.13
N LEU A 37 -6.78 -4.78 -0.15
CA LEU A 37 -6.56 -3.37 0.17
C LEU A 37 -6.26 -3.13 1.66
N GLY A 38 -5.52 -2.07 1.92
CA GLY A 38 -5.19 -1.72 3.29
C GLY A 38 -6.34 -0.93 3.83
N ALA A 39 -6.75 -1.24 5.06
CA ALA A 39 -7.87 -0.57 5.66
C ALA A 39 -7.53 0.50 6.69
N GLN A 40 -6.26 0.64 7.03
CA GLN A 40 -5.93 1.65 8.02
C GLN A 40 -5.00 2.71 7.47
N TRP A 41 -3.78 2.81 7.99
CA TRP A 41 -2.82 3.79 7.50
C TRP A 41 -1.57 3.13 6.95
N GLY A 42 -1.73 1.92 6.43
CA GLY A 42 -0.61 1.19 5.86
C GLY A 42 -0.08 0.11 6.77
N ASP A 43 0.89 -0.64 6.29
CA ASP A 43 1.51 -1.69 7.07
C ASP A 43 0.54 -2.62 7.79
N GLU A 44 -0.61 -2.88 7.18
CA GLU A 44 -1.56 -3.77 7.81
C GLU A 44 -1.15 -5.21 7.60
N GLY A 45 -0.13 -5.44 6.78
CA GLY A 45 0.33 -6.78 6.52
C GLY A 45 -0.21 -7.27 5.19
N LYS A 46 -0.44 -6.33 4.27
CA LYS A 46 -0.97 -6.64 2.95
C LYS A 46 -0.15 -7.68 2.19
N GLY A 47 1.17 -7.55 2.22
CA GLY A 47 2.02 -8.50 1.52
C GLY A 47 1.72 -9.93 1.97
N LYS A 48 1.46 -10.08 3.26
CA LYS A 48 1.15 -11.37 3.83
C LYS A 48 -0.11 -11.96 3.18
N VAL A 49 -1.17 -11.16 3.03
CA VAL A 49 -2.41 -11.66 2.43
C VAL A 49 -2.27 -11.86 0.92
N VAL A 50 -1.51 -11.00 0.26
CA VAL A 50 -1.31 -11.13 -1.17
C VAL A 50 -0.58 -12.43 -1.45
N ASP A 51 0.61 -12.57 -0.88
CA ASP A 51 1.41 -13.77 -1.07
C ASP A 51 0.61 -15.05 -0.81
N LEU A 52 -0.28 -15.02 0.16
CA LEU A 52 -1.09 -16.20 0.46
C LEU A 52 -2.08 -16.47 -0.66
N LEU A 53 -2.72 -15.40 -1.13
CA LEU A 53 -3.72 -15.50 -2.21
C LEU A 53 -3.13 -15.72 -3.58
N ALA A 54 -1.86 -15.39 -3.76
CA ALA A 54 -1.23 -15.55 -5.06
C ALA A 54 -0.70 -16.95 -5.38
N THR A 55 -0.35 -17.72 -4.35
CA THR A 55 0.18 -19.09 -4.48
C THR A 55 -0.20 -19.81 -5.78
N ASP A 56 -1.44 -19.62 -6.24
CA ASP A 56 -1.94 -20.26 -7.48
C ASP A 56 -2.26 -19.26 -8.61
N ALA A 57 -2.91 -18.17 -8.22
CA ALA A 57 -3.30 -17.07 -9.11
C ALA A 57 -2.55 -16.99 -10.44
N ASP A 58 -3.29 -16.78 -11.52
CA ASP A 58 -2.69 -16.68 -12.84
C ASP A 58 -1.98 -15.36 -13.03
N ILE A 59 -2.59 -14.28 -12.53
CA ILE A 59 -2.01 -12.94 -12.66
C ILE A 59 -2.08 -12.16 -11.33
N VAL A 60 -0.96 -11.53 -10.96
CA VAL A 60 -0.90 -10.73 -9.73
C VAL A 60 -0.47 -9.35 -10.20
N SER A 61 -1.28 -8.35 -9.90
CA SER A 61 -0.93 -7.02 -10.37
C SER A 61 -0.89 -5.90 -9.35
N ARG A 62 -0.35 -4.79 -9.81
CA ARG A 62 -0.18 -3.59 -9.02
C ARG A 62 -0.97 -2.50 -9.79
N CYS A 63 -1.79 -1.72 -9.11
CA CYS A 63 -2.58 -0.73 -9.83
C CYS A 63 -2.35 0.74 -9.51
N GLN A 64 -1.85 1.06 -8.33
CA GLN A 64 -1.63 2.45 -7.97
C GLN A 64 -0.42 2.63 -7.08
N GLY A 65 0.14 3.83 -7.06
CA GLY A 65 1.29 4.10 -6.23
C GLY A 65 2.62 3.84 -6.92
N GLY A 66 3.70 4.05 -6.17
CA GLY A 66 5.03 3.85 -6.70
C GLY A 66 5.83 2.85 -5.88
N ASN A 67 7.15 2.91 -6.02
CA ASN A 67 8.05 2.00 -5.31
C ASN A 67 8.22 2.39 -3.84
N ASN A 68 7.12 2.40 -3.08
CA ASN A 68 7.15 2.74 -1.65
C ASN A 68 6.02 1.97 -0.94
N ALA A 69 5.76 0.74 -1.41
CA ALA A 69 4.71 -0.09 -0.84
C ALA A 69 5.13 -0.81 0.43
N GLY A 70 6.40 -1.21 0.47
CA GLY A 70 6.94 -1.91 1.64
C GLY A 70 6.16 -3.15 2.05
N HIS A 71 5.83 -3.99 1.07
CA HIS A 71 5.08 -5.21 1.33
C HIS A 71 5.99 -6.39 1.61
N THR A 72 6.12 -6.70 2.90
CA THR A 72 6.97 -7.78 3.40
C THR A 72 6.35 -9.16 3.24
N VAL A 73 7.10 -10.08 2.64
CA VAL A 73 6.63 -11.45 2.44
C VAL A 73 7.59 -12.47 3.04
N VAL A 74 7.07 -13.27 3.97
CA VAL A 74 7.86 -14.30 4.63
C VAL A 74 7.40 -15.69 4.18
N VAL A 75 8.30 -16.42 3.52
CA VAL A 75 8.02 -17.76 3.03
C VAL A 75 9.24 -18.66 3.20
N ASP A 76 9.21 -19.52 4.22
CA ASP A 76 10.30 -20.44 4.52
C ASP A 76 11.58 -19.73 4.91
N GLY A 77 11.61 -19.15 6.11
CA GLY A 77 12.79 -18.44 6.57
C GLY A 77 13.48 -17.56 5.54
N LYS A 78 12.71 -17.12 4.55
CA LYS A 78 13.21 -16.26 3.49
C LYS A 78 12.30 -15.04 3.46
N GLU A 79 12.77 -13.93 4.01
CA GLU A 79 11.98 -12.70 4.05
C GLU A 79 12.21 -11.82 2.83
N TYR A 80 11.14 -11.20 2.33
CA TYR A 80 11.21 -10.34 1.16
C TYR A 80 10.66 -8.95 1.47
N ASP A 81 11.14 -7.96 0.73
CA ASP A 81 10.70 -6.57 0.90
C ASP A 81 10.41 -5.98 -0.47
N PHE A 82 9.21 -6.20 -0.98
CA PHE A 82 8.84 -5.66 -2.29
C PHE A 82 8.27 -4.27 -2.16
N HIS A 83 8.63 -3.41 -3.11
CA HIS A 83 8.21 -2.02 -3.10
C HIS A 83 7.49 -1.59 -4.38
N LEU A 84 7.89 -2.17 -5.52
CA LEU A 84 7.29 -1.83 -6.80
C LEU A 84 6.84 -3.11 -7.49
N LEU A 85 7.62 -4.18 -7.34
CA LEU A 85 7.26 -5.46 -7.94
C LEU A 85 6.08 -6.07 -7.19
N PRO A 86 5.13 -6.66 -7.90
CA PRO A 86 3.99 -7.28 -7.22
C PRO A 86 4.47 -8.35 -6.26
N SER A 87 3.82 -8.47 -5.11
CA SER A 87 4.20 -9.47 -4.11
C SER A 87 4.12 -10.88 -4.68
N GLY A 88 3.61 -11.00 -5.89
CA GLY A 88 3.49 -12.30 -6.51
C GLY A 88 4.64 -12.61 -7.45
N ILE A 89 5.56 -11.66 -7.60
CA ILE A 89 6.70 -11.82 -8.49
C ILE A 89 7.44 -13.10 -8.13
N ILE A 90 7.21 -13.60 -6.92
CA ILE A 90 7.82 -14.83 -6.46
C ILE A 90 7.28 -15.98 -7.29
N ASN A 91 6.00 -16.31 -7.08
CA ASN A 91 5.34 -17.39 -7.83
C ASN A 91 5.78 -17.35 -9.29
N THR A 92 6.45 -18.40 -9.74
CA THR A 92 6.94 -18.48 -11.11
C THR A 92 5.89 -18.83 -12.14
N LYS A 93 4.86 -19.57 -11.73
CA LYS A 93 3.81 -19.95 -12.67
C LYS A 93 2.96 -18.75 -13.05
N ALA A 94 2.89 -17.77 -12.15
CA ALA A 94 2.09 -16.57 -12.39
C ALA A 94 2.83 -15.41 -13.06
N VAL A 95 2.05 -14.50 -13.63
CA VAL A 95 2.57 -13.33 -14.31
C VAL A 95 2.41 -12.08 -13.45
N SER A 96 3.48 -11.29 -13.31
CA SER A 96 3.43 -10.06 -12.51
C SER A 96 3.09 -8.87 -13.41
N PHE A 97 2.06 -8.13 -13.03
CA PHE A 97 1.62 -6.99 -13.82
C PHE A 97 1.61 -5.65 -13.10
N ILE A 98 2.08 -4.63 -13.81
CA ILE A 98 2.09 -3.26 -13.29
C ILE A 98 1.16 -2.40 -14.17
N GLY A 99 0.02 -2.01 -13.59
CA GLY A 99 -0.96 -1.21 -14.32
C GLY A 99 -0.56 0.20 -14.69
N ASN A 100 -1.46 0.88 -15.41
CA ASN A 100 -1.22 2.25 -15.85
C ASN A 100 -1.26 3.29 -14.73
N GLY A 101 -1.98 2.97 -13.65
CA GLY A 101 -2.09 3.92 -12.55
C GLY A 101 -0.85 4.02 -11.68
N VAL A 102 0.11 3.16 -11.95
CA VAL A 102 1.36 3.13 -11.19
C VAL A 102 2.39 4.11 -11.75
N VAL A 103 3.24 4.61 -10.86
CA VAL A 103 4.30 5.53 -11.23
C VAL A 103 5.63 4.81 -11.01
N ILE A 104 6.47 4.78 -12.04
CA ILE A 104 7.74 4.07 -11.97
C ILE A 104 9.02 4.91 -12.04
N HIS A 105 9.93 4.66 -11.12
CA HIS A 105 11.23 5.31 -11.10
C HIS A 105 12.21 4.19 -11.43
N LEU A 106 12.34 3.90 -12.72
CA LEU A 106 13.19 2.84 -13.22
C LEU A 106 14.39 2.45 -12.36
N PRO A 107 15.28 3.40 -12.04
CA PRO A 107 16.43 3.03 -11.21
C PRO A 107 15.98 2.13 -10.06
N GLY A 108 15.06 2.63 -9.25
CA GLY A 108 14.55 1.88 -8.13
C GLY A 108 14.05 0.49 -8.53
N LEU A 109 13.37 0.41 -9.67
CA LEU A 109 12.84 -0.87 -10.14
C LEU A 109 13.92 -1.95 -10.19
N PHE A 110 15.00 -1.67 -10.90
CA PHE A 110 16.08 -2.64 -11.04
C PHE A 110 16.85 -2.84 -9.75
N GLU A 111 17.01 -1.76 -9.00
CA GLU A 111 17.70 -1.83 -7.72
C GLU A 111 16.97 -2.86 -6.86
N GLU A 112 15.64 -2.83 -6.92
CA GLU A 112 14.79 -3.73 -6.14
C GLU A 112 14.88 -5.19 -6.61
N ALA A 113 14.70 -5.40 -7.90
CA ALA A 113 14.76 -6.74 -8.47
C ALA A 113 16.11 -7.41 -8.18
N GLU A 114 17.18 -6.61 -8.19
CA GLU A 114 18.51 -7.14 -7.94
C GLU A 114 18.76 -7.54 -6.50
N LYS A 115 18.13 -6.82 -5.56
CA LYS A 115 18.30 -7.14 -4.15
C LYS A 115 17.62 -8.48 -3.85
N ASN A 116 16.50 -8.75 -4.53
CA ASN A 116 15.77 -10.01 -4.35
C ASN A 116 16.40 -11.04 -5.28
N GLU A 117 17.07 -10.55 -6.32
CA GLU A 117 17.75 -11.41 -7.27
C GLU A 117 18.84 -12.15 -6.50
N LYS A 118 19.29 -11.53 -5.41
CA LYS A 118 20.33 -12.09 -4.56
C LYS A 118 19.74 -13.02 -3.50
N LYS A 119 18.45 -12.89 -3.22
CA LYS A 119 17.81 -13.75 -2.23
C LYS A 119 17.31 -15.02 -2.91
N GLY A 120 17.68 -15.19 -4.17
CA GLY A 120 17.27 -16.37 -4.91
C GLY A 120 16.11 -16.12 -5.87
N LEU A 121 16.10 -14.95 -6.50
CA LEU A 121 15.04 -14.59 -7.44
C LEU A 121 15.65 -14.50 -8.84
N LYS A 122 15.27 -15.43 -9.71
CA LYS A 122 15.78 -15.48 -11.08
C LYS A 122 14.63 -15.60 -12.07
N ASP A 123 14.87 -15.16 -13.31
CA ASP A 123 13.86 -15.24 -14.36
C ASP A 123 12.64 -14.34 -14.14
N TRP A 124 12.71 -13.45 -13.15
CA TRP A 124 11.59 -12.56 -12.86
C TRP A 124 11.25 -11.71 -14.09
N GLU A 125 12.29 -11.24 -14.77
CA GLU A 125 12.15 -10.40 -15.95
C GLU A 125 11.40 -11.08 -17.10
N LYS A 126 11.12 -12.37 -16.96
CA LYS A 126 10.40 -13.11 -18.00
C LYS A 126 8.94 -13.29 -17.65
N ARG A 127 8.60 -13.14 -16.37
CA ARG A 127 7.21 -13.26 -15.97
C ARG A 127 6.66 -11.92 -15.45
N LEU A 128 7.19 -10.83 -16.01
CA LEU A 128 6.75 -9.49 -15.67
C LEU A 128 6.27 -8.75 -16.91
N ILE A 129 5.27 -7.90 -16.72
CA ILE A 129 4.69 -7.13 -17.82
C ILE A 129 4.34 -5.73 -17.35
N ILE A 130 4.89 -4.73 -18.03
CA ILE A 130 4.65 -3.34 -17.69
C ILE A 130 3.67 -2.69 -18.65
N SER A 131 2.76 -1.87 -18.11
CA SER A 131 1.75 -1.19 -18.91
C SER A 131 2.35 0.04 -19.59
N ASP A 132 2.29 0.05 -20.92
CA ASP A 132 2.83 1.15 -21.69
C ASP A 132 2.23 2.51 -21.32
N ARG A 133 1.18 2.52 -20.51
CA ARG A 133 0.55 3.77 -20.12
C ARG A 133 0.92 4.31 -18.74
N ALA A 134 1.69 3.54 -17.98
CA ALA A 134 2.13 3.97 -16.64
C ALA A 134 3.10 5.16 -16.73
N HIS A 135 3.19 5.96 -15.66
CA HIS A 135 4.06 7.13 -15.66
C HIS A 135 5.46 6.89 -15.09
N LEU A 136 6.41 7.74 -15.51
CA LEU A 136 7.79 7.61 -15.04
C LEU A 136 8.18 8.60 -13.95
N VAL A 137 8.77 8.08 -12.89
CA VAL A 137 9.25 8.91 -11.80
C VAL A 137 10.69 9.21 -12.18
N PHE A 138 11.00 10.48 -12.44
CA PHE A 138 12.38 10.81 -12.80
C PHE A 138 13.22 11.22 -11.60
N ASP A 139 14.52 10.97 -11.70
CA ASP A 139 15.44 11.30 -10.62
C ASP A 139 15.14 12.65 -9.98
N PHE A 140 14.95 13.68 -10.80
CA PHE A 140 14.67 15.01 -10.24
C PHE A 140 13.33 15.06 -9.52
N HIS A 141 12.45 14.11 -9.83
CA HIS A 141 11.15 14.04 -9.17
C HIS A 141 11.39 13.69 -7.70
N GLN A 142 12.20 12.66 -7.46
CA GLN A 142 12.52 12.25 -6.09
C GLN A 142 13.27 13.38 -5.43
N ALA A 143 13.97 14.16 -6.26
CA ALA A 143 14.74 15.29 -5.77
C ALA A 143 13.77 16.30 -5.17
N VAL A 144 12.91 16.86 -6.02
CA VAL A 144 11.91 17.84 -5.61
C VAL A 144 11.10 17.42 -4.39
N ASP A 145 10.79 16.13 -4.28
CA ASP A 145 10.04 15.63 -3.14
C ASP A 145 10.80 16.10 -1.90
N GLY A 146 12.08 15.73 -1.84
CA GLY A 146 12.92 16.12 -0.72
C GLY A 146 12.92 17.62 -0.45
N LEU A 147 13.18 18.42 -1.49
CA LEU A 147 13.16 19.87 -1.33
C LEU A 147 11.83 20.28 -0.71
N GLN A 148 10.74 19.95 -1.41
CA GLN A 148 9.38 20.27 -0.95
C GLN A 148 9.17 19.94 0.52
N GLU A 149 9.60 18.75 0.91
CA GLU A 149 9.47 18.27 2.29
C GLU A 149 10.25 19.15 3.26
N VAL A 150 11.53 19.38 2.96
CA VAL A 150 12.38 20.20 3.81
C VAL A 150 11.93 21.66 3.81
N GLN A 151 11.35 22.09 2.69
CA GLN A 151 10.86 23.46 2.58
C GLN A 151 9.70 23.65 3.55
N ARG A 152 8.67 22.84 3.41
CA ARG A 152 7.51 22.91 4.30
C ARG A 152 8.00 22.69 5.73
N GLN A 153 9.20 22.13 5.85
CA GLN A 153 9.78 21.85 7.15
C GLN A 153 10.25 23.12 7.86
N ALA A 154 11.19 23.83 7.26
CA ALA A 154 11.73 25.05 7.86
C ALA A 154 10.87 26.30 7.65
N GLN A 155 9.59 26.13 7.39
CA GLN A 155 8.72 27.28 7.20
C GLN A 155 7.51 27.23 8.13
N GLU A 156 6.84 26.08 8.17
CA GLU A 156 5.68 25.89 9.04
C GLU A 156 6.02 24.88 10.14
N GLY A 157 7.25 24.40 10.13
CA GLY A 157 7.68 23.42 11.11
C GLY A 157 6.74 22.22 11.10
N LYS A 158 6.46 21.70 9.92
CA LYS A 158 5.55 20.55 9.74
C LYS A 158 5.46 20.18 8.26
N ASN A 159 5.78 18.93 7.93
CA ASN A 159 5.71 18.46 6.56
C ASN A 159 4.81 17.23 6.44
N ILE A 160 4.73 16.65 5.25
CA ILE A 160 3.89 15.47 4.99
C ILE A 160 4.33 14.21 5.73
N GLY A 161 5.64 13.92 5.67
CA GLY A 161 6.16 12.71 6.29
C GLY A 161 6.42 11.72 5.16
N THR A 162 6.54 12.29 3.96
CA THR A 162 6.79 11.57 2.71
C THR A 162 7.92 10.56 2.81
N THR A 163 7.96 9.63 1.87
CA THR A 163 9.02 8.61 1.84
C THR A 163 10.10 9.17 0.92
N LYS A 164 9.90 10.41 0.48
CA LYS A 164 10.82 11.11 -0.40
C LYS A 164 11.21 10.30 -1.65
N LYS A 165 10.23 9.69 -2.30
CA LYS A 165 10.50 8.91 -3.50
C LYS A 165 9.82 9.45 -4.76
N GLY A 166 9.59 10.77 -4.75
CA GLY A 166 9.02 11.47 -5.87
C GLY A 166 7.61 11.13 -6.33
N ILE A 167 6.93 10.30 -5.55
CA ILE A 167 5.56 9.91 -5.90
C ILE A 167 4.67 11.15 -6.03
N GLY A 168 4.73 12.02 -5.01
CA GLY A 168 3.93 13.23 -5.02
C GLY A 168 4.19 14.10 -6.23
N PRO A 169 5.45 14.42 -6.54
CA PRO A 169 5.70 15.27 -7.71
C PRO A 169 5.41 14.58 -9.06
N THR A 170 5.59 13.26 -9.12
CA THR A 170 5.31 12.53 -10.35
C THR A 170 3.83 12.64 -10.67
N TYR A 171 2.98 12.44 -9.66
CA TYR A 171 1.54 12.55 -9.84
C TYR A 171 1.10 13.97 -10.19
N SER A 172 1.79 14.97 -9.63
CA SER A 172 1.47 16.36 -9.95
C SER A 172 1.78 16.59 -11.43
N SER A 173 2.88 16.00 -11.89
CA SER A 173 3.26 16.11 -13.29
C SER A 173 2.19 15.44 -14.16
N LYS A 174 1.76 14.25 -13.73
CA LYS A 174 0.74 13.49 -14.46
C LYS A 174 -0.52 14.33 -14.68
N ALA A 175 -1.03 14.93 -13.61
CA ALA A 175 -2.22 15.76 -13.68
C ALA A 175 -2.01 16.93 -14.64
N ALA A 176 -0.84 17.53 -14.60
CA ALA A 176 -0.55 18.67 -15.47
C ALA A 176 -0.36 18.25 -16.93
N ARG A 177 -0.25 16.94 -17.15
CA ARG A 177 -0.03 16.35 -18.49
C ARG A 177 1.37 16.66 -19.04
N THR A 178 2.28 17.03 -18.14
CA THR A 178 3.66 17.36 -18.53
C THR A 178 4.62 16.20 -18.25
N GLY A 179 4.15 15.22 -17.46
CA GLY A 179 4.97 14.07 -17.16
C GLY A 179 5.05 13.13 -18.35
N LEU A 180 6.00 12.19 -18.32
CA LEU A 180 6.16 11.26 -19.42
C LEU A 180 5.79 9.83 -19.03
N ARG A 181 5.39 9.06 -20.04
CA ARG A 181 4.95 7.69 -19.84
C ARG A 181 5.88 6.65 -20.47
N ILE A 182 5.71 5.40 -20.06
CA ILE A 182 6.49 4.28 -20.58
C ILE A 182 6.48 4.28 -22.10
N CYS A 183 5.32 4.55 -22.69
CA CYS A 183 5.17 4.54 -24.13
C CYS A 183 5.94 5.68 -24.81
N ASP A 184 6.29 6.72 -24.05
CA ASP A 184 7.03 7.83 -24.63
C ASP A 184 8.52 7.50 -24.65
N LEU A 185 8.96 6.75 -23.64
CA LEU A 185 10.35 6.33 -23.50
C LEU A 185 10.74 5.34 -24.59
N LEU A 186 9.81 4.48 -24.97
CA LEU A 186 10.07 3.50 -26.00
C LEU A 186 10.00 4.08 -27.42
N SER A 187 9.23 5.14 -27.59
CA SER A 187 9.08 5.78 -28.90
C SER A 187 10.37 6.53 -29.27
N ASP A 188 10.25 7.57 -30.10
CA ASP A 188 11.42 8.33 -30.52
C ASP A 188 12.16 9.04 -29.38
N PHE A 189 13.31 8.48 -28.99
CA PHE A 189 14.09 9.05 -27.90
C PHE A 189 14.50 10.50 -28.14
N ASP A 190 14.21 11.00 -29.32
CA ASP A 190 14.56 12.38 -29.64
C ASP A 190 13.42 13.30 -29.21
N GLU A 191 12.19 12.87 -29.43
CA GLU A 191 11.03 13.68 -29.00
C GLU A 191 10.94 13.56 -27.48
N PHE A 192 11.43 12.43 -26.94
CA PHE A 192 11.43 12.22 -25.50
C PHE A 192 12.32 13.26 -24.86
N SER A 193 13.64 13.10 -25.05
CA SER A 193 14.65 14.01 -24.51
C SER A 193 14.20 15.46 -24.44
N ALA A 194 13.61 15.95 -25.51
CA ALA A 194 13.13 17.34 -25.57
C ALA A 194 12.16 17.63 -24.43
N ARG A 195 11.14 16.78 -24.30
CA ARG A 195 10.15 16.92 -23.25
C ARG A 195 10.82 16.76 -21.88
N PHE A 196 11.68 15.74 -21.77
CA PHE A 196 12.40 15.46 -20.53
C PHE A 196 13.19 16.67 -20.09
N LYS A 197 13.64 17.45 -21.07
CA LYS A 197 14.43 18.65 -20.81
C LYS A 197 13.54 19.74 -20.22
N ASN A 198 12.42 20.01 -20.89
CA ASN A 198 11.48 21.04 -20.45
C ASN A 198 10.90 20.77 -19.06
N LEU A 199 10.55 19.53 -18.78
CA LEU A 199 9.99 19.17 -17.48
C LEU A 199 11.02 19.44 -16.40
N ALA A 200 12.29 19.14 -16.70
CA ALA A 200 13.38 19.36 -15.77
C ALA A 200 13.52 20.85 -15.46
N HIS A 201 13.47 21.66 -16.51
CA HIS A 201 13.57 23.11 -16.37
C HIS A 201 12.38 23.70 -15.62
N GLN A 202 11.21 23.08 -15.78
CA GLN A 202 10.01 23.54 -15.09
C GLN A 202 10.15 23.33 -13.59
N HIS A 203 10.58 22.12 -13.21
CA HIS A 203 10.77 21.80 -11.80
C HIS A 203 11.84 22.68 -11.18
N GLN A 204 12.86 23.01 -11.97
CA GLN A 204 13.95 23.86 -11.50
C GLN A 204 13.45 25.28 -11.26
N SER A 205 12.23 25.57 -11.70
CA SER A 205 11.64 26.88 -11.49
C SER A 205 10.91 26.88 -10.15
N MET A 206 10.54 25.68 -9.68
CA MET A 206 9.86 25.52 -8.40
C MET A 206 10.93 25.63 -7.31
N PHE A 207 12.13 25.15 -7.65
CA PHE A 207 13.28 25.16 -6.76
C PHE A 207 14.54 25.34 -7.60
N PRO A 208 14.91 26.60 -7.91
CA PRO A 208 16.10 26.87 -8.71
C PRO A 208 17.39 26.28 -8.11
N THR A 209 17.31 25.88 -6.85
CA THR A 209 18.44 25.28 -6.14
C THR A 209 18.64 23.85 -6.64
N LEU A 210 17.60 23.33 -7.28
CA LEU A 210 17.65 21.97 -7.80
C LEU A 210 18.54 21.89 -9.03
N GLU A 211 19.48 20.97 -9.00
CA GLU A 211 20.40 20.76 -10.10
C GLU A 211 19.97 19.49 -10.79
N ILE A 212 20.19 19.42 -12.09
CA ILE A 212 19.80 18.24 -12.87
C ILE A 212 20.86 17.82 -13.88
N ASP A 213 21.39 16.61 -13.70
CA ASP A 213 22.40 16.06 -14.62
C ASP A 213 21.66 15.60 -15.87
N VAL A 214 21.05 16.55 -16.55
CA VAL A 214 20.28 16.30 -17.77
C VAL A 214 20.74 15.13 -18.65
N GLU A 215 21.83 15.32 -19.39
CA GLU A 215 22.31 14.27 -20.29
C GLU A 215 22.80 13.05 -19.52
N GLY A 216 23.03 13.23 -18.23
CA GLY A 216 23.47 12.12 -17.40
C GLY A 216 22.34 11.14 -17.18
N GLN A 217 21.20 11.65 -16.69
CA GLN A 217 20.03 10.82 -16.43
C GLN A 217 19.45 10.29 -17.73
N LEU A 218 19.44 11.15 -18.75
CA LEU A 218 18.94 10.76 -20.07
C LEU A 218 19.74 9.54 -20.52
N LYS A 219 21.03 9.54 -20.18
CA LYS A 219 21.94 8.47 -20.53
C LYS A 219 21.40 7.14 -20.01
N ARG A 220 21.29 7.05 -18.68
CA ARG A 220 20.79 5.84 -18.03
C ARG A 220 19.41 5.48 -18.59
N LEU A 221 18.51 6.45 -18.59
CA LEU A 221 17.15 6.25 -19.09
C LEU A 221 17.08 5.37 -20.34
N LYS A 222 17.84 5.75 -21.37
CA LYS A 222 17.83 5.00 -22.63
C LYS A 222 18.35 3.58 -22.44
N GLY A 223 19.22 3.39 -21.45
CA GLY A 223 19.74 2.07 -21.18
C GLY A 223 18.58 1.25 -20.65
N PHE A 224 17.79 1.89 -19.79
CA PHE A 224 16.60 1.29 -19.18
C PHE A 224 15.62 0.92 -20.29
N ALA A 225 15.48 1.82 -21.26
CA ALA A 225 14.58 1.61 -22.39
C ALA A 225 14.74 0.21 -22.97
N GLU A 226 15.97 -0.13 -23.36
CA GLU A 226 16.26 -1.42 -23.94
C GLU A 226 16.12 -2.55 -22.95
N ARG A 227 16.37 -2.26 -21.69
CA ARG A 227 16.23 -3.26 -20.65
C ARG A 227 14.76 -3.55 -20.44
N ILE A 228 13.93 -2.54 -20.64
CA ILE A 228 12.48 -2.61 -20.46
C ILE A 228 11.66 -3.19 -21.62
N ARG A 229 11.88 -2.62 -22.81
CA ARG A 229 11.17 -3.00 -24.04
C ARG A 229 10.52 -4.40 -24.10
N PRO A 230 11.27 -5.44 -23.73
CA PRO A 230 10.68 -6.79 -23.79
C PRO A 230 9.53 -7.09 -22.81
N MET A 231 9.44 -6.35 -21.72
CA MET A 231 8.38 -6.58 -20.73
C MET A 231 7.11 -5.72 -20.95
N VAL A 232 7.27 -4.59 -21.64
CA VAL A 232 6.16 -3.67 -21.89
C VAL A 232 5.12 -4.16 -22.89
N ARG A 233 3.86 -3.83 -22.62
CA ARG A 233 2.73 -4.16 -23.50
C ARG A 233 1.60 -3.16 -23.30
N ASP A 234 0.50 -3.35 -24.02
CA ASP A 234 -0.63 -2.47 -23.87
C ASP A 234 -1.41 -3.05 -22.69
N GLY A 235 -1.56 -2.27 -21.62
CA GLY A 235 -2.25 -2.78 -20.45
C GLY A 235 -3.74 -3.01 -20.60
N VAL A 236 -4.41 -2.07 -21.24
CA VAL A 236 -5.86 -2.17 -21.43
C VAL A 236 -6.19 -3.45 -22.17
N TYR A 237 -5.53 -3.65 -23.32
CA TYR A 237 -5.75 -4.84 -24.12
C TYR A 237 -5.43 -6.06 -23.26
N PHE A 238 -4.21 -6.06 -22.71
CA PHE A 238 -3.77 -7.14 -21.86
C PHE A 238 -4.84 -7.59 -20.86
N MET A 239 -5.21 -6.72 -19.93
CA MET A 239 -6.20 -7.06 -18.93
C MET A 239 -7.55 -7.42 -19.52
N TYR A 240 -7.88 -6.89 -20.68
CA TYR A 240 -9.16 -7.19 -21.28
C TYR A 240 -9.17 -8.66 -21.67
N GLU A 241 -8.10 -9.10 -22.35
CA GLU A 241 -7.95 -10.48 -22.80
C GLU A 241 -8.12 -11.45 -21.64
N ALA A 242 -7.41 -11.16 -20.55
CA ALA A 242 -7.44 -11.98 -19.38
C ALA A 242 -8.81 -12.08 -18.71
N LEU A 243 -9.61 -11.03 -18.80
CA LEU A 243 -10.91 -11.06 -18.15
C LEU A 243 -12.06 -11.52 -19.02
N HIS A 244 -11.85 -11.53 -20.33
CA HIS A 244 -12.91 -11.95 -21.23
C HIS A 244 -12.52 -13.17 -22.06
N GLY A 245 -11.30 -13.64 -21.87
CA GLY A 245 -10.85 -14.81 -22.59
C GLY A 245 -11.25 -15.98 -21.73
N PRO A 246 -10.47 -17.07 -21.74
CA PRO A 246 -10.88 -18.19 -20.88
C PRO A 246 -10.72 -17.76 -19.41
N PRO A 247 -11.51 -18.36 -18.50
CA PRO A 247 -11.44 -18.01 -17.08
C PRO A 247 -10.04 -18.02 -16.47
N LYS A 248 -9.73 -16.94 -15.77
CA LYS A 248 -8.45 -16.77 -15.10
C LYS A 248 -8.63 -16.21 -13.70
N LYS A 249 -7.58 -16.32 -12.89
CA LYS A 249 -7.60 -15.80 -11.54
C LYS A 249 -6.64 -14.62 -11.45
N VAL A 250 -7.20 -13.43 -11.33
CA VAL A 250 -6.38 -12.22 -11.24
C VAL A 250 -6.41 -11.62 -9.84
N LEU A 251 -5.22 -11.26 -9.37
CA LEU A 251 -5.03 -10.71 -8.03
C LEU A 251 -4.47 -9.29 -8.10
N VAL A 252 -5.21 -8.35 -7.53
CA VAL A 252 -4.77 -6.96 -7.49
C VAL A 252 -4.30 -6.62 -6.08
N GLU A 253 -3.05 -6.21 -6.01
CA GLU A 253 -2.40 -5.86 -4.75
C GLU A 253 -2.43 -4.36 -4.50
N GLY A 254 -3.30 -3.94 -3.59
CA GLY A 254 -3.38 -2.53 -3.28
C GLY A 254 -2.14 -2.08 -2.54
N ALA A 255 -1.75 -0.83 -2.70
CA ALA A 255 -0.58 -0.28 -2.04
C ALA A 255 -1.02 0.82 -1.09
N ASN A 256 -0.19 1.08 -0.08
CA ASN A 256 -0.52 2.10 0.91
C ASN A 256 -1.82 1.70 1.56
N ALA A 257 -2.68 2.67 1.84
CA ALA A 257 -3.94 2.31 2.49
C ALA A 257 -5.08 3.31 2.37
N ALA A 258 -6.23 2.90 2.88
CA ALA A 258 -7.45 3.68 2.85
C ALA A 258 -7.28 5.11 3.36
N LEU A 259 -6.76 5.27 4.57
CA LEU A 259 -6.63 6.61 5.11
C LEU A 259 -5.43 7.40 4.59
N LEU A 260 -4.78 6.91 3.55
CA LEU A 260 -3.66 7.62 2.94
C LEU A 260 -4.09 8.01 1.54
N ASP A 261 -5.36 7.73 1.23
CA ASP A 261 -5.95 8.00 -0.09
C ASP A 261 -6.06 9.50 -0.40
N ILE A 262 -5.51 9.91 -1.52
CA ILE A 262 -5.51 11.31 -1.96
C ILE A 262 -6.88 11.96 -1.89
N ASP A 263 -7.92 11.14 -2.03
CA ASP A 263 -9.28 11.65 -1.97
C ASP A 263 -9.91 11.44 -0.61
N PHE A 264 -9.85 10.21 -0.10
CA PHE A 264 -10.52 9.93 1.15
C PHE A 264 -9.70 9.91 2.44
N GLY A 265 -8.37 9.96 2.32
CA GLY A 265 -7.53 9.93 3.50
C GLY A 265 -7.47 11.24 4.27
N THR A 266 -6.66 11.27 5.32
CA THR A 266 -6.48 12.45 6.15
C THR A 266 -5.66 13.48 5.38
N TYR A 267 -6.23 13.98 4.28
CA TYR A 267 -5.57 14.97 3.43
C TYR A 267 -5.16 16.17 4.28
N PRO A 268 -3.97 16.76 4.02
CA PRO A 268 -2.97 16.40 3.01
C PRO A 268 -1.93 15.41 3.49
N PHE A 269 -2.17 14.78 4.63
CA PHE A 269 -1.23 13.81 5.17
C PHE A 269 -1.56 12.45 4.59
N VAL A 270 -1.39 12.40 3.28
CA VAL A 270 -1.71 11.22 2.50
C VAL A 270 -0.76 11.07 1.33
N THR A 271 -0.81 9.91 0.68
CA THR A 271 -0.01 9.66 -0.50
C THR A 271 -0.83 10.25 -1.66
N SER A 272 -0.28 10.25 -2.88
CA SER A 272 -0.98 10.84 -4.01
C SER A 272 -1.70 9.93 -5.02
N SER A 273 -2.20 8.80 -4.56
CA SER A 273 -2.93 7.89 -5.45
C SER A 273 -4.20 7.36 -4.77
N ASN A 274 -5.10 6.82 -5.56
CA ASN A 274 -6.31 6.26 -4.99
C ASN A 274 -6.02 4.82 -4.56
N CYS A 275 -5.68 4.67 -3.27
CA CYS A 275 -5.39 3.36 -2.68
C CYS A 275 -6.70 2.59 -2.48
N THR A 276 -7.80 3.31 -2.61
CA THR A 276 -9.12 2.72 -2.44
C THR A 276 -9.52 1.94 -3.68
N VAL A 277 -10.56 1.13 -3.54
CA VAL A 277 -11.07 0.27 -4.59
C VAL A 277 -11.16 0.93 -5.99
N GLY A 278 -11.56 2.19 -6.05
CA GLY A 278 -11.66 2.87 -7.34
C GLY A 278 -10.38 2.82 -8.15
N GLY A 279 -9.25 3.01 -7.48
CA GLY A 279 -7.95 2.97 -8.13
C GLY A 279 -7.67 1.68 -8.91
N VAL A 280 -8.33 0.59 -8.54
CA VAL A 280 -8.16 -0.67 -9.26
C VAL A 280 -8.74 -0.46 -10.66
N CYS A 281 -9.90 0.17 -10.76
CA CYS A 281 -10.51 0.45 -12.06
C CYS A 281 -9.65 1.45 -12.86
N THR A 282 -9.35 2.58 -12.24
CA THR A 282 -8.56 3.60 -12.92
C THR A 282 -7.12 3.16 -13.22
N GLY A 283 -6.54 2.32 -12.37
CA GLY A 283 -5.17 1.87 -12.58
C GLY A 283 -4.92 0.72 -13.54
N LEU A 284 -5.92 -0.13 -13.74
CA LEU A 284 -5.78 -1.28 -14.62
C LEU A 284 -6.60 -1.14 -15.89
N GLY A 285 -7.60 -0.26 -15.85
CA GLY A 285 -8.44 -0.07 -17.02
C GLY A 285 -9.55 -1.10 -17.13
N ILE A 286 -10.08 -1.55 -15.99
CA ILE A 286 -11.14 -2.54 -16.00
C ILE A 286 -12.39 -1.98 -15.31
N PRO A 287 -13.58 -2.38 -15.79
CA PRO A 287 -14.83 -1.88 -15.19
C PRO A 287 -15.21 -2.54 -13.87
N PRO A 288 -15.98 -1.82 -13.03
CA PRO A 288 -16.42 -2.30 -11.72
C PRO A 288 -17.00 -3.72 -11.70
N GLN A 289 -17.71 -4.10 -12.76
CA GLN A 289 -18.31 -5.43 -12.79
C GLN A 289 -17.26 -6.53 -12.92
N ASN A 290 -16.01 -6.15 -13.17
CA ASN A 290 -14.95 -7.14 -13.28
C ASN A 290 -14.16 -7.21 -11.97
N ILE A 291 -14.71 -6.55 -10.95
CA ILE A 291 -14.12 -6.56 -9.62
C ILE A 291 -14.95 -7.52 -8.76
N GLY A 292 -14.28 -8.52 -8.19
CA GLY A 292 -14.97 -9.49 -7.38
C GLY A 292 -14.84 -9.27 -5.89
N ASP A 293 -14.12 -10.18 -5.25
CA ASP A 293 -13.88 -10.12 -3.82
C ASP A 293 -12.93 -8.96 -3.52
N VAL A 294 -13.28 -8.13 -2.55
CA VAL A 294 -12.41 -7.04 -2.18
C VAL A 294 -12.14 -7.23 -0.71
N TYR A 295 -10.95 -7.74 -0.42
CA TYR A 295 -10.54 -8.02 0.95
C TYR A 295 -9.85 -6.85 1.65
N GLY A 296 -10.33 -6.53 2.84
CA GLY A 296 -9.75 -5.46 3.62
C GLY A 296 -8.84 -5.99 4.72
N VAL A 297 -7.55 -5.69 4.61
CA VAL A 297 -6.58 -6.14 5.59
C VAL A 297 -6.62 -5.19 6.78
N VAL A 298 -6.88 -5.73 7.96
CA VAL A 298 -6.97 -4.97 9.20
C VAL A 298 -5.98 -5.48 10.23
N LYS A 299 -5.17 -4.57 10.76
CA LYS A 299 -4.20 -4.98 11.77
C LYS A 299 -4.90 -4.85 13.14
N ALA A 300 -4.58 -5.77 14.06
CA ALA A 300 -5.19 -5.80 15.38
C ALA A 300 -5.05 -4.51 16.15
N TYR A 301 -4.08 -3.71 15.74
CA TYR A 301 -3.88 -2.42 16.37
C TYR A 301 -3.59 -1.47 15.22
N THR A 302 -3.47 -0.18 15.52
CA THR A 302 -3.24 0.83 14.49
C THR A 302 -1.82 1.40 14.44
N THR A 303 -1.33 1.64 13.23
CA THR A 303 -0.02 2.26 13.08
C THR A 303 -0.12 3.36 12.05
N ARG A 304 0.87 4.24 12.06
CA ARG A 304 0.92 5.34 11.12
C ARG A 304 2.39 5.74 11.07
N VAL A 305 2.87 6.08 9.88
CA VAL A 305 4.24 6.55 9.75
C VAL A 305 4.05 7.89 9.07
N GLY A 306 4.65 8.93 9.61
CA GLY A 306 4.48 10.23 8.99
C GLY A 306 3.59 11.15 9.81
N ILE A 307 3.57 12.41 9.43
CA ILE A 307 2.76 13.40 10.14
C ILE A 307 1.25 13.18 9.92
N GLY A 308 0.45 13.73 10.82
CA GLY A 308 -0.99 13.60 10.70
C GLY A 308 -1.67 13.02 11.93
N ALA A 309 -2.95 13.35 12.07
CA ALA A 309 -3.79 12.88 13.17
C ALA A 309 -3.77 11.36 13.34
N PHE A 310 -3.92 10.91 14.59
CA PHE A 310 -3.91 9.49 14.92
C PHE A 310 -4.63 9.37 16.25
N PRO A 311 -5.94 9.63 16.25
CA PRO A 311 -6.75 9.57 17.46
C PRO A 311 -6.34 8.59 18.57
N THR A 312 -6.14 7.32 18.21
CA THR A 312 -5.78 6.32 19.22
C THR A 312 -4.29 6.13 19.46
N GLU A 313 -3.48 7.06 18.94
CA GLU A 313 -2.04 6.96 19.13
C GLU A 313 -1.74 6.75 20.62
N GLN A 314 -0.76 5.90 20.89
CA GLN A 314 -0.39 5.61 22.26
C GLN A 314 1.10 5.83 22.52
N ILE A 315 1.48 7.09 22.71
CA ILE A 315 2.86 7.44 22.99
C ILE A 315 3.11 7.11 24.46
N ASN A 316 3.38 5.84 24.75
CA ASN A 316 3.59 5.40 26.12
C ASN A 316 4.03 3.94 26.16
N GLU A 317 3.97 3.34 27.35
CA GLU A 317 4.37 1.95 27.57
C GLU A 317 3.72 1.02 26.54
N ILE A 318 2.40 1.13 26.41
CA ILE A 318 1.64 0.31 25.48
C ILE A 318 2.13 0.50 24.04
N GLY A 319 2.23 1.76 23.61
CA GLY A 319 2.70 2.05 22.28
C GLY A 319 4.10 1.51 22.05
N ASP A 320 4.94 1.50 23.08
CA ASP A 320 6.29 0.98 22.94
C ASP A 320 6.19 -0.54 22.79
N LEU A 321 5.21 -1.12 23.46
CA LEU A 321 5.01 -2.57 23.45
C LEU A 321 4.53 -3.08 22.11
N LEU A 322 3.51 -2.42 21.56
CA LEU A 322 2.97 -2.81 20.26
C LEU A 322 4.10 -2.69 19.24
N GLN A 323 4.71 -1.52 19.23
CA GLN A 323 5.81 -1.20 18.34
C GLN A 323 6.95 -2.22 18.44
N ASN A 324 7.12 -2.77 19.63
CA ASN A 324 8.16 -3.73 19.86
C ASN A 324 7.78 -5.13 19.39
N ARG A 325 6.70 -5.66 19.95
CA ARG A 325 6.25 -7.00 19.60
C ARG A 325 5.84 -7.12 18.13
N GLY A 326 5.37 -6.02 17.55
CA GLY A 326 4.94 -6.06 16.17
C GLY A 326 5.97 -5.59 15.16
N HIS A 327 7.17 -5.31 15.63
CA HIS A 327 8.28 -4.85 14.79
C HIS A 327 7.82 -3.71 13.89
N GLU A 328 7.20 -2.70 14.48
CA GLU A 328 6.71 -1.59 13.67
C GLU A 328 7.75 -0.52 13.38
N TRP A 329 8.69 -0.84 12.49
CA TRP A 329 9.72 0.11 12.14
C TRP A 329 10.09 0.07 10.66
N GLY A 330 10.54 1.21 10.15
CA GLY A 330 10.95 1.30 8.76
C GLY A 330 11.87 0.18 8.32
N VAL A 331 11.35 -0.69 7.48
CA VAL A 331 12.11 -1.82 6.97
C VAL A 331 13.32 -1.34 6.17
N THR A 332 13.53 -0.03 6.14
CA THR A 332 14.64 0.54 5.40
C THR A 332 15.48 1.47 6.28
N THR A 333 14.85 2.51 6.82
CA THR A 333 15.55 3.49 7.65
C THR A 333 15.55 3.20 9.15
N GLY A 334 14.82 2.18 9.58
CA GLY A 334 14.78 1.84 10.99
C GLY A 334 13.90 2.77 11.83
N ARG A 335 13.18 3.65 11.15
CA ARG A 335 12.27 4.59 11.83
C ARG A 335 11.03 3.84 12.33
N LYS A 336 10.81 3.89 13.62
CA LYS A 336 9.66 3.23 14.23
C LYS A 336 8.38 3.99 13.87
N ARG A 337 7.29 3.25 13.75
CA ARG A 337 6.00 3.85 13.43
C ARG A 337 5.20 4.14 14.70
N ARG A 338 4.35 5.15 14.62
CA ARG A 338 3.52 5.51 15.75
C ARG A 338 2.55 4.33 15.92
N CYS A 339 2.34 3.89 17.16
CA CYS A 339 1.43 2.78 17.41
C CYS A 339 0.25 3.18 18.27
N GLY A 340 -0.91 2.58 17.98
CA GLY A 340 -2.11 2.89 18.74
C GLY A 340 -3.11 1.74 18.77
N TRP A 341 -4.13 1.87 19.61
CA TRP A 341 -5.13 0.83 19.71
C TRP A 341 -5.89 0.76 18.39
N LEU A 342 -6.61 -0.33 18.18
CA LEU A 342 -7.43 -0.48 16.98
C LEU A 342 -8.45 0.66 17.02
N ASP A 343 -8.80 1.21 15.86
CA ASP A 343 -9.73 2.31 15.80
C ASP A 343 -10.83 1.99 14.77
N LEU A 344 -12.03 1.67 15.27
CA LEU A 344 -13.15 1.33 14.40
C LEU A 344 -13.70 2.50 13.60
N MET A 345 -13.42 3.72 14.01
CA MET A 345 -13.91 4.88 13.27
C MET A 345 -13.33 4.87 11.85
N ILE A 346 -12.01 4.76 11.75
CA ILE A 346 -11.37 4.75 10.44
C ILE A 346 -11.72 3.48 9.69
N LEU A 347 -11.88 2.38 10.41
CA LEU A 347 -12.23 1.12 9.77
C LEU A 347 -13.61 1.17 9.10
N ARG A 348 -14.60 1.67 9.80
CA ARG A 348 -15.95 1.76 9.25
C ARG A 348 -15.97 2.75 8.12
N TYR A 349 -15.18 3.81 8.24
CA TYR A 349 -15.11 4.82 7.21
C TYR A 349 -14.55 4.20 5.92
N ALA A 350 -13.49 3.40 6.10
CA ALA A 350 -12.83 2.70 5.00
C ALA A 350 -13.78 1.75 4.27
N HIS A 351 -14.57 1.01 5.04
CA HIS A 351 -15.52 0.06 4.46
C HIS A 351 -16.56 0.79 3.59
N MET A 352 -16.98 1.97 4.03
CA MET A 352 -17.95 2.75 3.29
C MET A 352 -17.43 3.06 1.90
N VAL A 353 -16.13 3.24 1.79
CA VAL A 353 -15.52 3.58 0.51
C VAL A 353 -15.07 2.37 -0.30
N ASN A 354 -14.49 1.37 0.35
CA ASN A 354 -14.03 0.20 -0.39
C ASN A 354 -15.05 -0.92 -0.54
N GLY A 355 -16.00 -1.00 0.38
CA GLY A 355 -16.99 -2.05 0.32
C GLY A 355 -16.32 -3.42 0.39
N PHE A 356 -15.65 -3.67 1.50
CA PHE A 356 -14.95 -4.93 1.68
C PHE A 356 -15.95 -6.08 1.69
N THR A 357 -15.59 -7.20 1.09
CA THR A 357 -16.48 -8.35 1.07
C THR A 357 -16.06 -9.25 2.24
N ALA A 358 -14.85 -9.05 2.73
CA ALA A 358 -14.31 -9.82 3.85
C ALA A 358 -13.05 -9.14 4.40
N LEU A 359 -12.63 -9.53 5.59
CA LEU A 359 -11.46 -8.94 6.22
C LEU A 359 -10.39 -9.96 6.57
N ALA A 360 -9.16 -9.48 6.67
CA ALA A 360 -8.01 -10.28 7.08
C ALA A 360 -7.49 -9.52 8.30
N LEU A 361 -7.64 -10.11 9.48
CA LEU A 361 -7.17 -9.48 10.71
C LEU A 361 -5.78 -10.00 11.03
N THR A 362 -4.79 -9.11 10.96
CA THR A 362 -3.38 -9.49 11.19
C THR A 362 -2.75 -9.10 12.51
N LYS A 363 -1.69 -9.82 12.87
CA LYS A 363 -0.93 -9.56 14.08
C LYS A 363 -1.73 -9.63 15.37
N LEU A 364 -2.64 -10.60 15.43
CA LEU A 364 -3.47 -10.80 16.62
C LEU A 364 -2.56 -11.20 17.79
N ASP A 365 -1.58 -12.02 17.46
CA ASP A 365 -0.61 -12.51 18.42
C ASP A 365 0.08 -11.36 19.15
N ILE A 366 0.24 -10.23 18.48
CA ILE A 366 0.87 -9.10 19.13
C ILE A 366 0.15 -8.74 20.41
N LEU A 367 -1.14 -9.04 20.48
CA LEU A 367 -1.91 -8.72 21.67
C LEU A 367 -1.93 -9.82 22.72
N ASP A 368 -1.30 -10.95 22.43
CA ASP A 368 -1.25 -12.07 23.36
C ASP A 368 -0.95 -11.70 24.82
N VAL A 369 0.03 -10.82 25.03
CA VAL A 369 0.45 -10.45 26.38
C VAL A 369 -0.34 -9.42 27.19
N LEU A 370 -1.22 -8.65 26.55
CA LEU A 370 -1.98 -7.64 27.27
C LEU A 370 -3.10 -8.21 28.12
N SER A 371 -3.33 -7.59 29.29
CA SER A 371 -4.40 -8.05 30.17
C SER A 371 -5.69 -7.49 29.63
N GLU A 372 -5.68 -6.20 29.33
CA GLU A 372 -6.87 -5.60 28.74
C GLU A 372 -6.47 -4.90 27.44
N ILE A 373 -7.37 -4.93 26.46
CA ILE A 373 -7.15 -4.34 25.16
C ILE A 373 -8.23 -3.30 24.88
N LYS A 374 -7.83 -2.08 24.58
CA LYS A 374 -8.81 -1.03 24.30
C LYS A 374 -8.99 -0.89 22.79
N VAL A 375 -10.18 -0.49 22.35
CA VAL A 375 -10.45 -0.28 20.93
C VAL A 375 -11.40 0.89 20.79
N GLY A 376 -11.08 1.81 19.87
CA GLY A 376 -11.90 2.99 19.66
C GLY A 376 -13.19 2.72 18.91
N ILE A 377 -14.31 3.12 19.52
CA ILE A 377 -15.62 2.92 18.91
C ILE A 377 -16.22 4.18 18.28
N SER A 378 -15.81 5.36 18.73
CA SER A 378 -16.34 6.60 18.15
C SER A 378 -15.56 7.83 18.61
N TYR A 379 -15.85 8.99 18.01
CA TYR A 379 -15.16 10.22 18.37
C TYR A 379 -16.09 11.22 19.03
N LYS A 380 -15.55 11.94 20.01
CA LYS A 380 -16.28 12.96 20.75
C LYS A 380 -15.60 14.30 20.65
N LEU A 381 -16.30 15.28 20.08
CA LEU A 381 -15.77 16.63 19.98
C LEU A 381 -16.64 17.47 20.89
N ASN A 382 -16.05 17.94 21.99
CA ASN A 382 -16.79 18.74 22.96
C ASN A 382 -17.90 17.90 23.59
N GLY A 383 -17.52 16.83 24.28
CA GLY A 383 -18.48 15.97 24.94
C GLY A 383 -19.52 15.29 24.07
N LYS A 384 -19.73 15.81 22.87
CA LYS A 384 -20.72 15.22 21.97
C LYS A 384 -20.12 14.34 20.88
N ARG A 385 -20.75 13.19 20.67
CA ARG A 385 -20.34 12.21 19.68
C ARG A 385 -20.51 12.68 18.24
N ILE A 386 -19.40 12.75 17.49
CA ILE A 386 -19.47 13.17 16.10
C ILE A 386 -20.14 12.09 15.29
N PRO A 387 -20.92 12.48 14.29
CA PRO A 387 -21.65 11.54 13.44
C PRO A 387 -20.83 10.77 12.41
N TYR A 388 -19.78 11.39 11.87
CA TYR A 388 -18.98 10.70 10.87
C TYR A 388 -17.50 11.08 10.84
N PHE A 389 -16.72 10.35 10.05
CA PHE A 389 -15.30 10.62 9.95
C PHE A 389 -15.13 12.00 9.32
N PRO A 390 -14.53 12.95 10.07
CA PRO A 390 -14.31 14.32 9.61
C PRO A 390 -13.38 14.46 8.42
N ALA A 391 -13.81 15.25 7.43
CA ALA A 391 -13.01 15.49 6.24
C ALA A 391 -11.74 16.26 6.59
N ASN A 392 -11.91 17.33 7.36
CA ASN A 392 -10.79 18.16 7.80
C ASN A 392 -9.94 17.43 8.82
N GLN A 393 -8.70 17.16 8.47
CA GLN A 393 -7.78 16.45 9.35
C GLN A 393 -7.54 17.23 10.65
N GLU A 394 -7.58 18.55 10.60
CA GLU A 394 -7.36 19.36 11.79
C GLU A 394 -8.37 19.07 12.91
N ILE A 395 -9.61 18.77 12.53
CA ILE A 395 -10.66 18.45 13.49
C ILE A 395 -10.33 17.14 14.21
N LEU A 396 -9.89 16.18 13.42
CA LEU A 396 -9.53 14.86 13.91
C LEU A 396 -8.47 14.92 15.00
N GLN A 397 -7.70 16.02 15.01
CA GLN A 397 -6.64 16.21 15.99
C GLN A 397 -7.16 16.71 17.34
N LYS A 398 -8.47 16.97 17.41
CA LYS A 398 -9.05 17.48 18.65
C LYS A 398 -10.11 16.58 19.27
N VAL A 399 -10.39 15.44 18.64
CA VAL A 399 -11.41 14.55 19.16
C VAL A 399 -10.97 13.72 20.36
N GLU A 400 -11.92 13.43 21.24
CA GLU A 400 -11.64 12.61 22.39
C GLU A 400 -12.06 11.24 21.88
N VAL A 401 -11.29 10.20 22.17
CA VAL A 401 -11.66 8.87 21.70
C VAL A 401 -12.49 8.14 22.73
N GLU A 402 -13.61 7.58 22.30
CA GLU A 402 -14.43 6.80 23.21
C GLU A 402 -13.97 5.36 23.00
N TYR A 403 -13.40 4.76 24.03
CA TYR A 403 -12.92 3.40 23.94
C TYR A 403 -13.84 2.40 24.58
N GLU A 404 -13.58 1.14 24.29
CA GLU A 404 -14.29 0.05 24.90
C GLU A 404 -13.14 -0.85 25.29
N THR A 405 -13.10 -1.22 26.55
CA THR A 405 -12.04 -2.07 27.04
C THR A 405 -12.44 -3.54 27.00
N LEU A 406 -11.61 -4.36 26.37
CA LEU A 406 -11.89 -5.77 26.25
C LEU A 406 -10.92 -6.66 27.01
N PRO A 407 -11.39 -7.84 27.43
CA PRO A 407 -10.54 -8.78 28.16
C PRO A 407 -9.52 -9.44 27.23
N GLY A 408 -8.27 -9.49 27.67
CA GLY A 408 -7.23 -10.11 26.88
C GLY A 408 -7.24 -11.60 27.14
N TRP A 409 -6.77 -12.40 26.19
CA TRP A 409 -6.73 -13.83 26.36
C TRP A 409 -5.47 -14.28 27.11
N LYS A 410 -4.55 -13.34 27.33
CA LYS A 410 -3.30 -13.59 28.04
C LYS A 410 -2.77 -14.99 27.75
N ALA A 411 -2.48 -15.25 26.49
CA ALA A 411 -1.95 -16.54 26.08
C ALA A 411 -1.29 -16.46 24.70
N ASP A 412 -0.54 -17.49 24.32
CA ASP A 412 0.15 -17.49 23.04
C ASP A 412 -0.73 -18.11 21.96
N THR A 413 -0.83 -17.42 20.83
CA THR A 413 -1.67 -17.88 19.72
C THR A 413 -0.87 -18.24 18.47
N THR A 414 0.42 -17.95 18.50
CA THR A 414 1.29 -18.21 17.35
C THR A 414 1.17 -19.61 16.77
N GLY A 415 0.66 -20.54 17.57
CA GLY A 415 0.52 -21.90 17.09
C GLY A 415 -0.88 -22.25 16.58
N ALA A 416 -1.83 -21.35 16.74
CA ALA A 416 -3.18 -21.62 16.28
C ALA A 416 -3.19 -21.78 14.76
N ARG A 417 -4.05 -22.67 14.27
CA ARG A 417 -4.16 -22.92 12.84
C ARG A 417 -5.62 -23.22 12.45
N LYS A 418 -6.53 -23.00 13.40
CA LYS A 418 -7.95 -23.20 13.19
C LYS A 418 -8.72 -22.41 14.25
N TRP A 419 -9.92 -21.98 13.90
CA TRP A 419 -10.76 -21.19 14.81
C TRP A 419 -10.84 -21.73 16.23
N GLU A 420 -10.78 -23.05 16.39
CA GLU A 420 -10.89 -23.64 17.73
C GLU A 420 -9.69 -23.42 18.62
N ASP A 421 -8.51 -23.33 18.03
CA ASP A 421 -7.30 -23.14 18.79
C ASP A 421 -7.27 -21.81 19.53
N LEU A 422 -7.78 -20.75 18.91
CA LEU A 422 -7.76 -19.46 19.58
C LEU A 422 -8.59 -19.50 20.87
N PRO A 423 -8.04 -18.95 21.96
CA PRO A 423 -8.77 -18.95 23.23
C PRO A 423 -9.97 -18.01 23.14
N PRO A 424 -10.88 -18.09 24.11
CA PRO A 424 -12.08 -17.25 24.18
C PRO A 424 -11.90 -15.78 23.81
N GLN A 425 -11.35 -14.99 24.73
CA GLN A 425 -11.17 -13.55 24.48
C GLN A 425 -10.58 -13.26 23.11
N ALA A 426 -9.81 -14.19 22.59
CA ALA A 426 -9.20 -13.99 21.28
C ALA A 426 -10.34 -13.99 20.27
N GLN A 427 -11.15 -15.04 20.32
CA GLN A 427 -12.29 -15.18 19.43
C GLN A 427 -13.25 -14.01 19.60
N SER A 428 -13.46 -13.57 20.83
CA SER A 428 -14.35 -12.45 21.09
C SER A 428 -13.83 -11.18 20.44
N TYR A 429 -12.51 -11.08 20.38
CA TYR A 429 -11.88 -9.91 19.79
C TYR A 429 -12.15 -9.92 18.29
N VAL A 430 -12.02 -11.09 17.68
CA VAL A 430 -12.26 -11.20 16.24
C VAL A 430 -13.73 -10.85 15.98
N ARG A 431 -14.64 -11.39 16.78
CA ARG A 431 -16.06 -11.13 16.60
C ARG A 431 -16.34 -9.64 16.74
N PHE A 432 -15.71 -9.01 17.72
CA PHE A 432 -15.92 -7.59 17.95
C PHE A 432 -15.66 -6.78 16.68
N VAL A 433 -14.54 -7.03 16.02
CA VAL A 433 -14.16 -6.37 14.78
C VAL A 433 -15.19 -6.67 13.71
N GLU A 434 -15.51 -7.95 13.58
CA GLU A 434 -16.48 -8.45 12.61
C GLU A 434 -17.79 -7.70 12.81
N ASN A 435 -18.29 -7.72 14.04
CA ASN A 435 -19.55 -7.09 14.31
C ASN A 435 -19.59 -5.59 14.06
N HIS A 436 -18.65 -4.87 14.62
CA HIS A 436 -18.66 -3.42 14.44
C HIS A 436 -18.39 -2.92 13.04
N MET A 437 -17.83 -3.75 12.18
CA MET A 437 -17.59 -3.34 10.80
C MET A 437 -18.70 -3.90 9.95
N GLY A 438 -19.34 -4.96 10.43
CA GLY A 438 -20.40 -5.57 9.67
C GLY A 438 -19.83 -6.38 8.51
N VAL A 439 -18.55 -6.72 8.61
CA VAL A 439 -17.90 -7.50 7.56
C VAL A 439 -17.22 -8.74 8.16
N ALA A 440 -17.44 -9.88 7.52
CA ALA A 440 -16.86 -11.14 7.98
C ALA A 440 -15.34 -11.22 7.89
N VAL A 441 -14.72 -11.69 8.96
CA VAL A 441 -13.28 -11.84 8.95
C VAL A 441 -13.04 -13.22 8.36
N LYS A 442 -12.35 -13.26 7.22
CA LYS A 442 -12.07 -14.51 6.56
C LYS A 442 -10.68 -15.05 6.90
N TRP A 443 -9.85 -14.20 7.51
CA TRP A 443 -8.48 -14.59 7.88
C TRP A 443 -7.95 -13.99 9.16
N VAL A 444 -7.33 -14.84 9.98
CA VAL A 444 -6.72 -14.39 11.22
C VAL A 444 -5.22 -14.60 11.16
N GLY A 445 -4.52 -13.50 11.02
CA GLY A 445 -3.09 -13.53 10.97
C GLY A 445 -2.64 -13.69 12.40
N VAL A 446 -1.89 -14.74 12.66
CA VAL A 446 -1.45 -14.97 14.02
C VAL A 446 0.06 -15.16 14.05
N GLY A 447 0.72 -14.95 12.92
CA GLY A 447 2.16 -15.10 12.85
C GLY A 447 2.60 -14.34 11.62
N LYS A 448 3.85 -14.54 11.25
CA LYS A 448 4.38 -13.83 10.09
C LYS A 448 4.60 -14.73 8.85
N SER A 449 4.67 -16.04 9.07
CA SER A 449 4.88 -16.98 7.97
C SER A 449 3.58 -17.32 7.24
N ARG A 450 3.72 -17.79 6.01
CA ARG A 450 2.60 -18.18 5.17
C ARG A 450 1.62 -19.00 5.99
N GLU A 451 2.14 -20.07 6.60
CA GLU A 451 1.35 -20.99 7.42
C GLU A 451 0.65 -20.32 8.60
N SER A 452 1.12 -19.13 8.99
CA SER A 452 0.58 -18.41 10.15
C SER A 452 -0.80 -17.72 10.00
N MET A 453 -1.59 -18.17 9.05
CA MET A 453 -2.93 -17.63 8.86
C MET A 453 -3.93 -18.65 9.36
N ILE A 454 -5.16 -18.22 9.53
CA ILE A 454 -6.23 -19.11 9.96
C ILE A 454 -7.44 -18.71 9.15
N GLN A 455 -7.79 -19.52 8.15
CA GLN A 455 -8.94 -19.23 7.31
C GLN A 455 -10.23 -19.61 8.04
N LEU A 456 -10.98 -18.61 8.50
CA LEU A 456 -12.22 -18.87 9.21
C LEU A 456 -13.29 -19.56 8.35
N PHE A 457 -13.27 -19.31 7.05
CA PHE A 457 -14.23 -19.94 6.14
C PHE A 457 -13.76 -19.95 4.67
#